data_4G2P
#
_entry.id   4G2P
#
_cell.length_a   43.499
_cell.length_b   39.611
_cell.length_c   68.581
_cell.angle_alpha   90.000
_cell.angle_beta   101.700
_cell.angle_gamma   90.000
#
_symmetry.space_group_name_H-M   'P 1 21 1'
#
loop_
_entity.id
_entity.type
_entity.pdbx_description
1 polymer 'Chaperone SurA'
2 non-polymer 'SULFATE ION'
3 non-polymer GLYCEROL
4 water water
#
_entity_poly.entity_id   1
_entity_poly.type   'polypeptide(L)'
_entity_poly.pdbx_seq_one_letter_code
;SNAISVTEVHARHILLKPSPI(MSE)NDQQARLKLEEIAADIKSGKTTFAAAAKEYSQDPGSANQGGDLGWATPDIFDPA
FRDALTKLHKGQISAPVHSSFGWHLIELLDTRKV
;
_entity_poly.pdbx_strand_id   A,B
#
# COMPACT_ATOMS: atom_id res chain seq x y z
N ALA A 3 -26.21 18.04 28.22
CA ALA A 3 -24.85 18.51 27.83
C ALA A 3 -24.07 17.43 27.05
N ILE A 4 -24.26 17.45 25.73
CA ILE A 4 -23.67 16.48 24.80
C ILE A 4 -22.16 16.63 24.73
N SER A 5 -21.46 15.51 24.78
CA SER A 5 -20.00 15.51 24.76
C SER A 5 -19.41 15.22 23.38
N VAL A 6 -18.22 15.75 23.20
CA VAL A 6 -17.41 15.45 22.03
C VAL A 6 -16.04 15.12 22.60
N THR A 7 -15.55 13.93 22.29
CA THR A 7 -14.25 13.49 22.73
C THR A 7 -13.31 13.40 21.53
N GLU A 8 -12.17 14.07 21.64
CA GLU A 8 -11.13 13.91 20.63
C GLU A 8 -10.07 12.94 21.15
N VAL A 9 -9.47 12.19 20.25
CA VAL A 9 -8.32 11.33 20.60
C VAL A 9 -7.05 11.84 19.95
N HIS A 10 -5.94 11.61 20.64
CA HIS A 10 -4.62 11.87 20.11
C HIS A 10 -3.91 10.54 19.92
N ALA A 11 -3.80 10.14 18.65
CA ALA A 11 -3.24 8.85 18.28
C ALA A 11 -1.97 8.97 17.44
N ARG A 12 -1.15 7.90 17.45
CA ARG A 12 -0.07 7.79 16.49
C ARG A 12 -0.04 6.37 15.93
N HIS A 13 0.55 6.21 14.77
CA HIS A 13 0.53 4.89 14.14
C HIS A 13 1.67 4.68 13.18
N ILE A 14 1.90 3.42 12.84
CA ILE A 14 2.84 3.02 11.78
C ILE A 14 2.07 2.12 10.82
N LEU A 15 2.12 2.49 9.54
CA LEU A 15 1.37 1.83 8.50
C LEU A 15 2.33 1.08 7.56
N LEU A 16 1.99 -0.18 7.30
CA LEU A 16 2.60 -0.95 6.20
C LEU A 16 1.57 -1.47 5.21
N LYS A 17 1.78 -1.21 3.93
CA LYS A 17 0.84 -1.67 2.90
C LYS A 17 1.42 -2.90 2.17
N PRO A 18 0.60 -3.93 1.95
CA PRO A 18 1.07 -5.04 1.11
C PRO A 18 1.43 -4.59 -0.30
N SER A 19 2.31 -5.35 -0.96
CA SER A 19 2.80 -5.04 -2.32
C SER A 19 3.29 -6.35 -2.94
N PRO A 20 3.77 -6.34 -4.19
CA PRO A 20 4.34 -7.59 -4.67
C PRO A 20 5.63 -8.06 -3.95
N ILE A 21 6.31 -7.17 -3.24
N ILE A 21 6.34 -7.17 -3.26
CA ILE A 21 7.49 -7.51 -2.45
CA ILE A 21 7.50 -7.56 -2.45
C ILE A 21 7.07 -7.99 -1.07
C ILE A 21 7.10 -7.95 -1.04
N ASN A 23 3.77 -9.42 1.13
CA ASN A 23 2.39 -9.85 1.13
C ASN A 23 1.84 -9.53 2.54
N ASP A 24 0.62 -9.97 2.80
CA ASP A 24 -0.03 -9.62 4.08
C ASP A 24 0.67 -10.25 5.26
N GLN A 25 1.12 -11.50 5.10
CA GLN A 25 1.84 -12.19 6.21
C GLN A 25 3.12 -11.44 6.53
N GLN A 26 3.84 -11.05 5.48
CA GLN A 26 5.11 -10.35 5.67
C GLN A 26 4.91 -8.97 6.31
N ALA A 27 3.81 -8.31 5.97
CA ALA A 27 3.52 -7.00 6.54
C ALA A 27 3.21 -7.14 8.03
N ARG A 28 2.41 -8.15 8.39
CA ARG A 28 2.04 -8.27 9.79
C ARG A 28 3.29 -8.63 10.63
N LEU A 29 4.04 -9.62 10.19
CA LEU A 29 5.26 -10.03 10.88
C LEU A 29 6.31 -8.90 10.96
N LYS A 30 6.40 -8.07 9.92
N LYS A 30 6.38 -8.07 9.93
CA LYS A 30 7.31 -6.96 10.01
CA LYS A 30 7.30 -6.94 9.97
C LYS A 30 6.90 -5.98 11.12
C LYS A 30 6.90 -5.95 11.07
N LEU A 31 5.60 -5.71 11.22
CA LEU A 31 5.07 -4.85 12.31
C LEU A 31 5.35 -5.50 13.66
N GLU A 32 5.20 -6.81 13.73
CA GLU A 32 5.56 -7.48 15.01
C GLU A 32 7.05 -7.28 15.35
N GLU A 33 7.91 -7.36 14.34
CA GLU A 33 9.34 -7.12 14.54
C GLU A 33 9.64 -5.67 15.01
N ILE A 34 9.02 -4.68 14.34
CA ILE A 34 9.07 -3.27 14.79
C ILE A 34 8.57 -3.10 16.22
N ALA A 35 7.44 -3.70 16.52
CA ALA A 35 6.86 -3.53 17.84
C ALA A 35 7.85 -4.04 18.88
N ALA A 36 8.46 -5.20 18.62
CA ALA A 36 9.38 -5.82 19.63
C ALA A 36 10.68 -4.99 19.70
N ASP A 37 11.07 -4.36 18.58
CA ASP A 37 12.19 -3.44 18.62
C ASP A 37 11.89 -2.21 19.48
N ILE A 38 10.64 -1.73 19.50
CA ILE A 38 10.31 -0.53 20.26
C ILE A 38 10.28 -0.87 21.72
N LYS A 39 9.66 -2.00 21.96
CA LYS A 39 9.54 -2.47 23.34
C LYS A 39 10.89 -2.83 24.04
N SER A 40 11.88 -3.25 23.23
N SER A 40 11.91 -3.19 23.25
CA SER A 40 13.24 -3.62 23.67
CA SER A 40 13.24 -3.56 23.76
C SER A 40 14.23 -2.45 23.59
C SER A 40 14.24 -2.43 23.62
N GLY A 41 13.74 -1.27 23.26
CA GLY A 41 14.55 -0.03 23.23
C GLY A 41 15.57 0.03 22.11
N LYS A 42 15.39 -0.80 21.09
CA LYS A 42 16.29 -0.78 19.94
C LYS A 42 15.97 0.43 19.12
N THR A 43 14.71 0.87 19.14
CA THR A 43 14.34 2.08 18.37
C THR A 43 13.20 2.77 19.12
N THR A 44 12.92 4.02 18.81
CA THR A 44 11.73 4.67 19.36
C THR A 44 10.53 4.57 18.38
N PHE A 45 9.33 4.79 18.89
CA PHE A 45 8.13 4.65 18.09
C PHE A 45 8.29 5.67 16.96
N ALA A 46 8.66 6.90 17.30
CA ALA A 46 8.74 7.98 16.30
C ALA A 46 9.79 7.70 15.21
N ALA A 47 10.94 7.13 15.61
CA ALA A 47 12.03 6.80 14.64
C ALA A 47 11.60 5.70 13.69
N ALA A 48 10.89 4.72 14.24
CA ALA A 48 10.38 3.64 13.41
C ALA A 48 9.30 4.13 12.45
N ALA A 49 8.44 5.03 12.94
CA ALA A 49 7.43 5.60 12.07
C ALA A 49 8.16 6.27 10.91
N LYS A 50 9.17 7.06 11.24
CA LYS A 50 9.88 7.78 10.18
C LYS A 50 10.55 6.84 9.14
N GLU A 51 11.20 5.80 9.64
CA GLU A 51 11.89 4.82 8.79
C GLU A 51 10.95 3.95 7.97
N TYR A 52 9.82 3.52 8.56
CA TYR A 52 9.02 2.50 7.93
C TYR A 52 7.62 2.90 7.52
N SER A 53 7.02 3.89 8.19
CA SER A 53 5.60 4.09 7.96
C SER A 53 5.33 4.52 6.53
N GLN A 54 4.32 3.90 5.93
CA GLN A 54 3.94 4.20 4.57
C GLN A 54 2.75 5.17 4.45
N ASP A 55 2.48 5.90 5.54
CA ASP A 55 1.49 6.99 5.54
C ASP A 55 2.21 8.33 5.43
N PRO A 56 2.24 8.94 4.20
CA PRO A 56 3.09 10.14 4.15
C PRO A 56 2.51 11.32 4.92
N GLY A 57 1.25 11.23 5.33
CA GLY A 57 0.62 12.29 6.12
C GLY A 57 1.10 12.38 7.56
N SER A 58 1.81 11.35 8.03
CA SER A 58 2.27 11.29 9.43
C SER A 58 3.67 10.70 9.64
N ALA A 59 4.18 9.95 8.67
CA ALA A 59 5.46 9.27 8.86
C ALA A 59 6.57 10.23 9.35
N ASN A 60 6.65 11.43 8.77
CA ASN A 60 7.67 12.39 9.17
C ASN A 60 7.38 13.13 10.45
N GLN A 61 6.16 12.98 10.98
CA GLN A 61 5.85 13.56 12.27
C GLN A 61 5.87 12.48 13.33
N GLY A 62 6.73 11.48 13.13
CA GLY A 62 6.81 10.33 14.04
C GLY A 62 5.51 9.54 14.19
N GLY A 63 4.68 9.57 13.15
CA GLY A 63 3.43 8.79 13.12
C GLY A 63 2.26 9.53 13.72
N ASP A 64 2.50 10.72 14.30
CA ASP A 64 1.49 11.50 15.01
C ASP A 64 0.28 11.82 14.14
N LEU A 65 -0.92 11.59 14.65
CA LEU A 65 -2.14 11.87 13.88
C LEU A 65 -2.87 13.16 14.33
N GLY A 66 -2.28 13.89 15.27
CA GLY A 66 -2.92 15.08 15.82
C GLY A 66 -4.18 14.72 16.62
N TRP A 67 -5.00 15.72 16.91
CA TRP A 67 -6.24 15.52 17.62
C TRP A 67 -7.38 15.39 16.65
N ALA A 68 -8.26 14.42 16.87
CA ALA A 68 -9.42 14.21 15.99
C ALA A 68 -10.50 13.43 16.71
N THR A 69 -11.75 13.65 16.32
CA THR A 69 -12.84 12.78 16.74
C THR A 69 -12.59 11.45 16.02
N PRO A 70 -12.71 10.34 16.75
CA PRO A 70 -12.25 9.04 16.21
C PRO A 70 -13.11 8.44 15.08
N ASP A 71 -14.27 9.04 14.81
CA ASP A 71 -15.07 8.67 13.63
C ASP A 71 -14.33 9.00 12.34
N ILE A 72 -13.33 9.88 12.36
CA ILE A 72 -12.52 10.08 11.14
C ILE A 72 -11.70 8.83 10.77
N PHE A 73 -11.54 7.89 11.70
CA PHE A 73 -10.70 6.70 11.44
C PHE A 73 -11.46 5.50 10.88
N ASP A 74 -10.77 4.66 10.11
CA ASP A 74 -11.33 3.39 9.65
C ASP A 74 -11.87 2.70 10.91
N PRO A 75 -13.02 2.00 10.79
CA PRO A 75 -13.60 1.41 12.00
C PRO A 75 -12.75 0.37 12.75
N ALA A 76 -11.98 -0.45 12.03
CA ALA A 76 -11.05 -1.40 12.68
C ALA A 76 -9.97 -0.69 13.49
N PHE A 77 -9.40 0.36 12.91
CA PHE A 77 -8.46 1.26 13.62
C PHE A 77 -9.11 1.86 14.90
N ARG A 78 -10.30 2.44 14.73
CA ARG A 78 -11.08 2.97 15.83
C ARG A 78 -11.35 1.95 16.94
N ASP A 79 -11.79 0.73 16.58
CA ASP A 79 -12.02 -0.38 17.54
C ASP A 79 -10.77 -0.65 18.36
N ALA A 80 -9.61 -0.72 17.70
CA ALA A 80 -8.37 -1.09 18.39
C ALA A 80 -7.95 0.03 19.34
N LEU A 81 -8.19 1.25 18.91
CA LEU A 81 -7.79 2.47 19.62
C LEU A 81 -8.47 2.54 21.00
N THR A 82 -9.78 2.30 20.98
CA THR A 82 -10.67 2.13 22.13
C THR A 82 -10.14 1.31 23.33
N LYS A 83 -9.36 0.28 23.05
CA LYS A 83 -8.95 -0.71 24.06
C LYS A 83 -7.58 -0.43 24.69
N LEU A 84 -6.87 0.57 24.14
CA LEU A 84 -5.48 0.81 24.48
C LEU A 84 -5.28 1.69 25.72
N HIS A 85 -4.32 1.29 26.56
CA HIS A 85 -3.94 2.08 27.72
C HIS A 85 -2.71 2.89 27.43
N LYS A 86 -2.41 3.84 28.32
CA LYS A 86 -1.25 4.70 28.14
C LYS A 86 0.05 3.88 28.04
N GLY A 87 0.84 4.18 27.01
CA GLY A 87 2.12 3.50 26.81
C GLY A 87 2.03 2.27 25.93
N GLN A 88 0.82 1.72 25.79
CA GLN A 88 0.64 0.43 25.06
C GLN A 88 0.58 0.58 23.56
N ILE A 89 1.26 -0.31 22.85
CA ILE A 89 1.17 -0.28 21.38
C ILE A 89 0.23 -1.43 20.99
N SER A 90 -0.68 -1.23 20.04
CA SER A 90 -1.52 -2.36 19.59
C SER A 90 -0.69 -3.53 19.00
N ALA A 91 -1.29 -4.72 18.98
CA ALA A 91 -0.84 -5.73 18.03
C ALA A 91 -1.12 -5.17 16.62
N PRO A 92 -0.54 -5.74 15.57
CA PRO A 92 -0.88 -5.20 14.23
C PRO A 92 -2.41 -5.26 13.92
N VAL A 93 -2.94 -4.19 13.33
CA VAL A 93 -4.40 -4.07 13.08
C VAL A 93 -4.58 -3.87 11.58
N HIS A 94 -5.51 -4.59 10.95
CA HIS A 94 -5.78 -4.43 9.51
C HIS A 94 -6.91 -3.46 9.25
N SER A 95 -6.67 -2.52 8.36
CA SER A 95 -7.73 -1.62 7.92
C SER A 95 -7.83 -1.67 6.40
N SER A 96 -8.74 -0.89 5.83
CA SER A 96 -8.82 -0.74 4.37
C SER A 96 -7.52 -0.15 3.80
N PHE A 97 -6.67 0.39 4.68
CA PHE A 97 -5.44 1.03 4.22
C PHE A 97 -4.22 0.13 4.26
N GLY A 98 -4.28 -0.92 5.07
CA GLY A 98 -3.16 -1.86 5.21
C GLY A 98 -3.09 -2.28 6.66
N TRP A 99 -1.87 -2.53 7.15
CA TRP A 99 -1.66 -2.99 8.55
C TRP A 99 -1.05 -1.92 9.41
N HIS A 100 -1.50 -1.79 10.65
CA HIS A 100 -1.09 -0.64 11.48
C HIS A 100 -0.56 -1.07 12.81
N LEU A 101 0.45 -0.35 13.32
CA LEU A 101 0.70 -0.38 14.79
C LEU A 101 0.10 0.92 15.30
N ILE A 102 -0.66 0.85 16.39
CA ILE A 102 -1.41 2.00 16.91
C ILE A 102 -1.04 2.27 18.36
N GLU A 103 -0.90 3.55 18.70
CA GLU A 103 -0.82 4.00 20.09
C GLU A 103 -1.83 5.14 20.40
N LEU A 104 -2.52 5.01 21.53
CA LEU A 104 -3.40 6.07 22.02
C LEU A 104 -2.60 6.91 23.00
N LEU A 105 -2.36 8.17 22.63
CA LEU A 105 -1.54 9.06 23.44
C LEU A 105 -2.32 9.82 24.50
N ASP A 106 -3.53 10.28 24.15
CA ASP A 106 -4.38 11.01 25.10
C ASP A 106 -5.82 11.12 24.57
N THR A 107 -6.74 11.53 25.45
CA THR A 107 -8.11 11.89 25.03
C THR A 107 -8.48 13.20 25.71
N ARG A 108 -9.46 13.92 25.18
CA ARG A 108 -9.92 15.15 25.80
C ARG A 108 -11.36 15.44 25.37
N LYS A 109 -12.03 16.31 26.12
CA LYS A 109 -13.34 16.81 25.72
C LYS A 109 -13.17 18.17 25.04
N VAL A 110 -13.95 18.44 23.99
CA VAL A 110 -13.91 19.76 23.33
C VAL A 110 -15.26 20.50 23.26
N ALA B 3 19.07 22.92 -11.67
CA ALA B 3 18.38 22.16 -10.59
C ALA B 3 18.10 20.70 -10.95
N ILE B 4 18.35 19.81 -9.99
CA ILE B 4 18.11 18.38 -10.15
C ILE B 4 16.61 18.11 -10.11
N SER B 5 16.12 17.39 -11.11
CA SER B 5 14.71 17.02 -11.20
C SER B 5 14.41 15.62 -10.66
N VAL B 6 13.22 15.47 -10.10
CA VAL B 6 12.75 14.18 -9.64
C VAL B 6 11.45 14.01 -10.38
N THR B 7 11.36 12.94 -11.16
CA THR B 7 10.16 12.62 -11.91
C THR B 7 9.44 11.47 -11.22
N GLU B 8 8.13 11.67 -11.04
CA GLU B 8 7.27 10.62 -10.55
C GLU B 8 6.39 10.12 -11.69
N VAL B 9 6.06 8.84 -11.64
CA VAL B 9 5.16 8.27 -12.62
C VAL B 9 3.89 7.81 -11.90
N HIS B 10 2.77 7.92 -12.61
CA HIS B 10 1.50 7.34 -12.20
C HIS B 10 1.16 6.18 -13.09
N ALA B 11 1.17 4.96 -12.56
CA ALA B 11 0.94 3.76 -13.38
C ALA B 11 -0.12 2.84 -12.75
N ARG B 12 -0.61 1.90 -13.53
CA ARG B 12 -1.47 0.83 -13.00
C ARG B 12 -1.09 -0.50 -13.68
N HIS B 13 -1.39 -1.61 -13.03
CA HIS B 13 -0.98 -2.91 -13.59
C HIS B 13 -1.91 -3.99 -13.11
N ILE B 14 -1.80 -5.14 -13.79
CA ILE B 14 -2.47 -6.37 -13.43
C ILE B 14 -1.36 -7.42 -13.38
N LEU B 15 -1.28 -8.10 -12.23
CA LEU B 15 -0.19 -9.06 -11.97
C LEU B 15 -0.72 -10.47 -11.88
N LEU B 16 -0.09 -11.39 -12.61
CA LEU B 16 -0.39 -12.81 -12.42
C LEU B 16 0.90 -13.55 -12.07
N LYS B 17 0.88 -14.31 -10.99
CA LYS B 17 2.08 -15.03 -10.52
C LYS B 17 1.96 -16.52 -10.80
N PRO B 18 2.92 -17.08 -11.55
CA PRO B 18 2.92 -18.51 -11.79
C PRO B 18 2.82 -19.31 -10.49
N SER B 19 2.07 -20.41 -10.54
CA SER B 19 1.79 -21.24 -9.36
C SER B 19 1.72 -22.71 -9.77
N PRO B 20 1.48 -23.63 -8.80
CA PRO B 20 1.26 -25.04 -9.17
C PRO B 20 0.01 -25.32 -10.02
N ILE B 21 -0.87 -24.32 -10.17
CA ILE B 21 -2.11 -24.47 -10.96
C ILE B 21 -2.04 -23.66 -12.27
N ASN B 23 1.15 -22.18 -14.96
CA ASN B 23 2.56 -21.99 -15.31
C ASN B 23 2.78 -20.67 -16.06
N ASP B 24 4.03 -20.43 -16.45
CA ASP B 24 4.37 -19.17 -17.09
C ASP B 24 3.61 -18.96 -18.41
N GLN B 25 3.51 -20.00 -19.24
CA GLN B 25 2.81 -19.89 -20.51
C GLN B 25 1.34 -19.58 -20.27
N GLN B 26 0.76 -20.27 -19.28
CA GLN B 26 -0.61 -20.02 -18.88
C GLN B 26 -0.82 -18.58 -18.39
N ALA B 27 0.05 -18.11 -17.50
CA ALA B 27 0.00 -16.72 -17.02
C ALA B 27 0.04 -15.70 -18.15
N ARG B 28 1.00 -15.86 -19.07
CA ARG B 28 1.15 -14.95 -20.19
C ARG B 28 -0.11 -14.92 -21.06
N LEU B 29 -0.63 -16.11 -21.35
CA LEU B 29 -1.78 -16.23 -22.25
C LEU B 29 -3.04 -15.68 -21.62
N LYS B 30 -3.21 -15.93 -20.31
CA LYS B 30 -4.27 -15.32 -19.53
C LYS B 30 -4.23 -13.80 -19.60
N LEU B 31 -3.05 -13.22 -19.47
CA LEU B 31 -2.91 -11.77 -19.60
C LEU B 31 -3.23 -11.28 -21.02
N GLU B 32 -2.83 -12.06 -22.02
CA GLU B 32 -3.17 -11.73 -23.40
C GLU B 32 -4.68 -11.69 -23.63
N GLU B 33 -5.39 -12.62 -23.01
CA GLU B 33 -6.85 -12.69 -23.09
C GLU B 33 -7.45 -11.46 -22.39
N ILE B 34 -6.95 -11.16 -21.19
CA ILE B 34 -7.38 -9.95 -20.45
C ILE B 34 -7.16 -8.69 -21.27
N ALA B 35 -5.96 -8.55 -21.85
CA ALA B 35 -5.64 -7.34 -22.63
C ALA B 35 -6.61 -7.20 -23.80
N ALA B 36 -6.95 -8.33 -24.43
CA ALA B 36 -7.85 -8.32 -25.59
C ALA B 36 -9.28 -8.02 -25.18
N ASP B 37 -9.70 -8.50 -24.00
CA ASP B 37 -10.99 -8.14 -23.46
C ASP B 37 -11.13 -6.64 -23.14
N ILE B 38 -10.05 -6.02 -22.65
CA ILE B 38 -10.04 -4.59 -22.33
C ILE B 38 -10.05 -3.77 -23.62
N LYS B 39 -9.17 -4.12 -24.55
CA LYS B 39 -9.09 -3.42 -25.84
C LYS B 39 -10.40 -3.50 -26.67
N SER B 40 -11.15 -4.59 -26.52
CA SER B 40 -12.38 -4.78 -27.29
C SER B 40 -13.63 -4.33 -26.51
N GLY B 41 -13.41 -3.73 -25.34
CA GLY B 41 -14.50 -3.17 -24.52
C GLY B 41 -15.38 -4.20 -23.84
N LYS B 42 -14.88 -5.42 -23.69
CA LYS B 42 -15.62 -6.48 -22.99
C LYS B 42 -15.57 -6.23 -21.47
N THR B 43 -14.44 -5.69 -21.01
CA THR B 43 -14.26 -5.31 -19.62
C THR B 43 -13.40 -4.03 -19.56
N THR B 44 -13.32 -3.38 -18.41
CA THR B 44 -12.41 -2.24 -18.22
C THR B 44 -11.15 -2.68 -17.49
N PHE B 45 -10.08 -1.90 -17.62
CA PHE B 45 -8.83 -2.22 -16.93
C PHE B 45 -9.05 -2.36 -15.43
N ALA B 46 -9.74 -1.39 -14.81
CA ALA B 46 -9.97 -1.41 -13.36
C ALA B 46 -10.76 -2.64 -12.91
N ALA B 47 -11.78 -2.98 -13.69
CA ALA B 47 -12.57 -4.19 -13.43
C ALA B 47 -11.70 -5.46 -13.54
N ALA B 48 -10.87 -5.54 -14.57
CA ALA B 48 -10.00 -6.71 -14.74
C ALA B 48 -8.99 -6.84 -13.58
N ALA B 49 -8.48 -5.71 -13.10
CA ALA B 49 -7.54 -5.71 -11.96
C ALA B 49 -8.18 -6.27 -10.69
N LYS B 50 -9.39 -5.83 -10.39
CA LYS B 50 -10.12 -6.27 -9.17
C LYS B 50 -10.37 -7.77 -9.25
N GLU B 51 -10.70 -8.24 -10.45
CA GLU B 51 -11.06 -9.65 -10.68
C GLU B 51 -9.85 -10.60 -10.63
N TYR B 52 -8.74 -10.17 -11.23
CA TYR B 52 -7.61 -11.06 -11.55
C TYR B 52 -6.26 -10.71 -10.93
N SER B 53 -6.02 -9.45 -10.60
CA SER B 53 -4.67 -9.05 -10.19
C SER B 53 -4.28 -9.62 -8.83
N GLN B 54 -3.06 -10.16 -8.77
CA GLN B 54 -2.54 -10.79 -7.56
C GLN B 54 -1.54 -9.90 -6.80
N ASP B 55 -1.56 -8.59 -7.09
CA ASP B 55 -0.87 -7.61 -6.27
C ASP B 55 -1.78 -7.18 -5.10
N PRO B 56 -1.49 -7.66 -3.87
CA PRO B 56 -2.37 -7.33 -2.75
C PRO B 56 -2.43 -5.82 -2.46
N GLY B 57 -1.52 -5.04 -3.05
CA GLY B 57 -1.44 -3.62 -2.77
C GLY B 57 -2.17 -2.69 -3.73
N SER B 58 -2.72 -3.23 -4.82
CA SER B 58 -3.32 -2.39 -5.86
C SER B 58 -4.57 -2.98 -6.54
N ALA B 59 -4.75 -4.30 -6.46
CA ALA B 59 -5.88 -4.98 -7.11
C ALA B 59 -7.24 -4.35 -6.77
N ASN B 60 -7.48 -4.06 -5.49
N ASN B 60 -7.46 -4.04 -5.49
CA ASN B 60 -8.73 -3.43 -5.07
CA ASN B 60 -8.73 -3.44 -5.04
C ASN B 60 -8.93 -1.98 -5.53
C ASN B 60 -8.85 -1.92 -5.24
N GLN B 61 -7.85 -1.32 -5.90
CA GLN B 61 -7.93 0.05 -6.38
C GLN B 61 -7.81 0.05 -7.89
N GLY B 62 -8.36 -0.99 -8.52
CA GLY B 62 -8.32 -1.13 -9.97
C GLY B 62 -6.89 -1.15 -10.56
N GLY B 63 -5.95 -1.67 -9.78
CA GLY B 63 -4.57 -1.82 -10.22
C GLY B 63 -3.72 -0.58 -10.10
N ASP B 64 -4.30 0.50 -9.57
CA ASP B 64 -3.62 1.80 -9.46
C ASP B 64 -2.45 1.72 -8.48
N LEU B 65 -1.31 2.24 -8.91
CA LEU B 65 -0.08 2.21 -8.11
C LEU B 65 0.26 3.59 -7.53
N GLY B 66 -0.58 4.58 -7.77
CA GLY B 66 -0.39 5.95 -7.26
C GLY B 66 0.79 6.65 -7.91
N TRP B 67 1.33 7.68 -7.26
CA TRP B 67 2.49 8.40 -7.78
C TRP B 67 3.75 7.89 -7.14
N ALA B 68 4.77 7.60 -7.93
CA ALA B 68 6.07 7.12 -7.39
C ALA B 68 7.22 7.37 -8.33
N THR B 69 8.41 7.55 -7.77
CA THR B 69 9.63 7.53 -8.60
C THR B 69 9.77 6.10 -9.13
N PRO B 70 10.07 5.94 -10.43
CA PRO B 70 10.03 4.62 -11.08
C PRO B 70 11.11 3.64 -10.60
N ASP B 71 12.07 4.13 -9.81
CA ASP B 71 13.08 3.27 -9.22
C ASP B 71 12.47 2.35 -8.18
N ILE B 72 11.26 2.64 -7.71
CA ILE B 72 10.59 1.70 -6.80
C ILE B 72 10.15 0.40 -7.49
N PHE B 73 10.10 0.39 -8.83
CA PHE B 73 9.66 -0.78 -9.58
C PHE B 73 10.80 -1.71 -9.97
N ASP B 74 10.45 -2.97 -10.23
CA ASP B 74 11.33 -3.97 -10.79
C ASP B 74 11.92 -3.40 -12.09
N PRO B 75 13.24 -3.60 -12.33
CA PRO B 75 13.85 -3.05 -13.55
C PRO B 75 13.13 -3.40 -14.88
N ALA B 76 12.57 -4.61 -15.01
CA ALA B 76 11.81 -4.95 -16.23
C ALA B 76 10.50 -4.15 -16.37
N PHE B 77 9.79 -4.00 -15.26
CA PHE B 77 8.58 -3.16 -15.18
C PHE B 77 8.96 -1.74 -15.59
N ARG B 78 10.02 -1.23 -14.97
CA ARG B 78 10.47 0.12 -15.23
C ARG B 78 10.82 0.29 -16.71
N ASP B 79 11.56 -0.67 -17.29
CA ASP B 79 11.91 -0.60 -18.72
C ASP B 79 10.67 -0.45 -19.62
N ALA B 80 9.63 -1.21 -19.30
CA ALA B 80 8.42 -1.23 -20.12
C ALA B 80 7.69 0.11 -20.08
N LEU B 81 7.77 0.80 -18.92
CA LEU B 81 7.24 2.16 -18.75
C LEU B 81 7.81 3.20 -19.70
N THR B 82 9.09 3.05 -20.03
CA THR B 82 9.76 3.98 -20.96
C THR B 82 8.91 4.23 -22.18
N LYS B 83 8.46 3.13 -22.77
CA LYS B 83 7.98 3.13 -24.14
C LYS B 83 6.46 3.15 -24.28
N LEU B 84 5.74 3.27 -23.16
CA LEU B 84 4.28 3.23 -23.21
C LEU B 84 3.66 4.57 -23.54
N HIS B 85 2.69 4.55 -24.46
CA HIS B 85 1.99 5.75 -24.87
C HIS B 85 0.74 5.91 -24.07
N LYS B 86 0.20 7.12 -24.08
CA LYS B 86 -1.07 7.43 -23.44
C LYS B 86 -2.11 6.41 -23.87
N GLY B 87 -2.68 5.71 -22.90
CA GLY B 87 -3.77 4.77 -23.15
C GLY B 87 -3.35 3.41 -23.67
N GLN B 88 -2.06 3.16 -23.82
CA GLN B 88 -1.59 1.90 -24.35
C GLN B 88 -1.35 0.92 -23.21
N ILE B 89 -1.82 -0.32 -23.36
CA ILE B 89 -1.53 -1.37 -22.41
C ILE B 89 -0.36 -2.20 -22.95
N SER B 90 0.63 -2.44 -22.10
CA SER B 90 1.78 -3.24 -22.52
C SER B 90 1.34 -4.65 -22.91
N ALA B 91 2.15 -5.28 -23.78
CA ALA B 91 2.16 -6.73 -23.86
C ALA B 91 2.51 -7.27 -22.46
N PRO B 92 2.27 -8.57 -22.20
CA PRO B 92 2.65 -9.01 -20.86
C PRO B 92 4.17 -8.88 -20.60
N VAL B 93 4.53 -8.41 -19.42
CA VAL B 93 5.94 -8.17 -19.07
C VAL B 93 6.29 -9.01 -17.86
N HIS B 94 7.42 -9.72 -17.93
CA HIS B 94 7.89 -10.53 -16.82
C HIS B 94 8.80 -9.75 -15.92
N SER B 95 8.56 -9.84 -14.61
CA SER B 95 9.41 -9.19 -13.63
C SER B 95 9.81 -10.29 -12.69
N SER B 96 10.56 -9.97 -11.64
CA SER B 96 10.82 -10.96 -10.62
C SER B 96 9.54 -11.40 -9.89
N PHE B 97 8.44 -10.63 -10.02
CA PHE B 97 7.17 -11.01 -9.34
C PHE B 97 6.20 -11.93 -10.10
N GLY B 98 6.25 -11.93 -11.42
CA GLY B 98 5.32 -12.69 -12.21
C GLY B 98 5.16 -11.90 -13.49
N TRP B 99 3.97 -11.96 -14.08
CA TRP B 99 3.70 -11.31 -15.36
C TRP B 99 2.77 -10.18 -15.14
N HIS B 100 2.96 -9.11 -15.89
CA HIS B 100 2.20 -7.88 -15.67
C HIS B 100 1.63 -7.38 -16.94
N LEU B 101 0.42 -6.83 -16.87
CA LEU B 101 -0.01 -5.90 -17.90
C LEU B 101 0.18 -4.52 -17.29
N ILE B 102 0.75 -3.57 -18.06
CA ILE B 102 1.18 -2.28 -17.51
C ILE B 102 0.60 -1.11 -18.33
N GLU B 103 0.16 -0.05 -17.65
CA GLU B 103 -0.25 1.18 -18.32
C GLU B 103 0.34 2.36 -17.57
N LEU B 104 0.92 3.27 -18.35
CA LEU B 104 1.47 4.53 -17.84
C LEU B 104 0.44 5.65 -18.00
N LEU B 105 -0.06 6.13 -16.87
CA LEU B 105 -1.16 7.11 -16.89
C LEU B 105 -0.67 8.55 -17.03
N ASP B 106 0.43 8.87 -16.35
CA ASP B 106 0.94 10.22 -16.30
C ASP B 106 2.30 10.24 -15.61
N THR B 107 2.98 11.38 -15.75
CA THR B 107 4.23 11.65 -15.05
C THR B 107 4.15 13.09 -14.52
N ARG B 108 4.83 13.36 -13.41
CA ARG B 108 4.89 14.72 -12.86
C ARG B 108 6.29 14.94 -12.31
N LYS B 109 6.75 16.19 -12.28
CA LYS B 109 7.99 16.52 -11.59
C LYS B 109 7.64 16.93 -10.17
N VAL B 110 8.45 16.53 -9.19
CA VAL B 110 8.22 16.99 -7.82
C VAL B 110 9.47 17.58 -7.16
#